data_6VGH
#
_entry.id   6VGH
#
_cell.length_a   58.692
_cell.length_b   58.692
_cell.length_c   276.475
_cell.angle_alpha   90.0
_cell.angle_beta   90.0
_cell.angle_gamma   120.0
#
_symmetry.space_group_name_H-M   'P 65'
#
loop_
_entity.id
_entity.type
_entity.pdbx_description
1 polymer 'Estrogen receptor'
2 non-polymer (5R,6S)-6-PHENYL-5-[4-(2-PYRROLIDIN-1-YLETHOXY)PHENYL]-5,6,7,8-TETRAHYDRONAPHTHALEN-2-OL
3 water water
#
_entity_poly.entity_id   1
_entity_poly.type   'polypeptide(L)'
_entity_poly.pdbx_seq_one_letter_code
;HHHHHHENLYFQSMALSLTADQMVSALLDAEPPILYSEYDPTRPFSEASMMGLLTNLADRELVHMINWAKRVPGFVDLTL
HDQVHLLESAWLEILMIGLVWRSMEHPGKLLFAPNLLLDRNQGKSVEGMVEIFDMLLATSSRFRMMNLQGEEFVCLKSII
LLNSGVYTFLSSTLKSLEEKDHIHRVLDKITDTLIHLMAKAGLTLQQQHQRLAQLLLILSHIRHMSNKGMEHLYSMKSKN
VVPLSDLLLEMLDAHRLHAPTS
;
_entity_poly.pdbx_strand_id   A,B
#
loop_
_chem_comp.id
_chem_comp.type
_chem_comp.name
_chem_comp.formula
C3D non-polymer (5R,6S)-6-PHENYL-5-[4-(2-PYRROLIDIN-1-YLETHOXY)PHENYL]-5,6,7,8-TETRAHYDRONAPHTHALEN-2-OL 'C28 H31 N O2'
#
# COMPACT_ATOMS: atom_id res chain seq x y z
N ALA A 15 -11.41 -16.17 -18.11
CA ALA A 15 -10.82 -15.17 -17.23
C ALA A 15 -9.45 -15.62 -16.73
N LEU A 16 -9.40 -16.79 -16.12
CA LEU A 16 -8.15 -17.35 -15.62
C LEU A 16 -7.44 -18.17 -16.69
N SER A 17 -7.99 -18.17 -17.89
CA SER A 17 -7.44 -18.97 -18.99
C SER A 17 -6.79 -18.11 -20.05
N LEU A 18 -6.84 -16.79 -19.88
CA LEU A 18 -6.24 -15.86 -20.83
C LEU A 18 -4.72 -15.93 -20.79
N THR A 19 -4.08 -15.52 -21.88
CA THR A 19 -2.64 -15.41 -21.92
C THR A 19 -2.21 -14.04 -21.42
N ALA A 20 -0.91 -13.76 -21.45
CA ALA A 20 -0.40 -12.49 -21.00
C ALA A 20 -0.79 -11.36 -21.95
N ASP A 21 -0.63 -11.60 -23.24
CA ASP A 21 -0.95 -10.60 -24.26
C ASP A 21 -2.44 -10.37 -24.38
N GLN A 22 -3.23 -11.40 -24.09
CA GLN A 22 -4.69 -11.28 -24.11
C GLN A 22 -5.17 -10.48 -22.92
N MET A 23 -4.46 -10.60 -21.80
CA MET A 23 -4.75 -9.81 -20.61
C MET A 23 -4.49 -8.33 -20.89
N VAL A 24 -3.35 -8.05 -21.51
CA VAL A 24 -2.96 -6.68 -21.85
C VAL A 24 -3.95 -6.04 -22.82
N SER A 25 -4.28 -6.76 -23.89
CA SER A 25 -5.21 -6.26 -24.89
C SER A 25 -6.59 -6.00 -24.30
N ALA A 26 -7.00 -6.87 -23.38
CA ALA A 26 -8.29 -6.71 -22.72
C ALA A 26 -8.32 -5.47 -21.84
N LEU A 27 -7.23 -5.23 -21.12
CA LEU A 27 -7.14 -4.09 -20.21
C LEU A 27 -7.08 -2.77 -20.96
N LEU A 28 -6.26 -2.71 -22.02
CA LEU A 28 -6.13 -1.49 -22.80
C LEU A 28 -7.45 -1.12 -23.50
N ASP A 29 -8.15 -2.13 -24.00
CA ASP A 29 -9.43 -1.90 -24.67
C ASP A 29 -10.50 -1.46 -23.70
N ALA A 30 -10.30 -1.76 -22.42
CA ALA A 30 -11.26 -1.42 -21.38
C ALA A 30 -11.02 -0.03 -20.81
N GLU A 31 -9.95 0.61 -21.27
CA GLU A 31 -9.56 1.92 -20.76
C GLU A 31 -10.66 2.97 -20.91
N PRO A 32 -10.96 3.68 -19.82
CA PRO A 32 -11.94 4.77 -19.84
C PRO A 32 -11.42 5.96 -20.63
N PRO A 33 -12.31 6.81 -21.12
CA PRO A 33 -11.87 7.99 -21.88
C PRO A 33 -11.40 9.11 -20.97
N ILE A 34 -10.71 10.09 -21.53
CA ILE A 34 -10.30 11.26 -20.78
C ILE A 34 -11.40 12.32 -20.83
N LEU A 35 -11.93 12.67 -19.67
CA LEU A 35 -13.04 13.63 -19.61
C LEU A 35 -12.52 15.06 -19.47
N TYR A 36 -13.37 16.01 -19.83
CA TYR A 36 -13.02 17.43 -19.72
C TYR A 36 -13.70 18.07 -18.52
N SER A 37 -13.05 19.08 -17.96
CA SER A 37 -13.65 19.88 -16.91
C SER A 37 -14.80 20.69 -17.48
N GLU A 38 -15.91 20.74 -16.76
CA GLU A 38 -17.08 21.49 -17.22
C GLU A 38 -17.03 22.93 -16.74
N TYR A 39 -16.57 23.81 -17.63
CA TYR A 39 -16.52 25.24 -17.33
C TYR A 39 -16.40 26.02 -18.64
N ASP A 40 -16.77 27.29 -18.60
CA ASP A 40 -16.67 28.14 -19.78
C ASP A 40 -15.24 28.57 -20.00
N PRO A 41 -14.65 28.17 -21.15
CA PRO A 41 -13.32 28.65 -21.52
C PRO A 41 -13.39 30.10 -21.98
N THR A 42 -14.60 30.62 -22.04
CA THR A 42 -14.83 31.99 -22.47
C THR A 42 -15.01 32.93 -21.27
N ARG A 43 -15.08 32.36 -20.07
CA ARG A 43 -15.36 33.14 -18.87
C ARG A 43 -14.13 33.35 -17.99
N SER A 49 -13.31 27.99 -6.63
CA SER A 49 -14.12 27.26 -7.60
C SER A 49 -13.44 25.97 -8.03
N MET A 50 -12.22 25.78 -7.55
CA MET A 50 -11.39 24.66 -7.99
C MET A 50 -11.90 23.31 -7.48
N MET A 51 -12.33 23.28 -6.22
CA MET A 51 -12.84 22.05 -5.63
C MET A 51 -14.11 21.59 -6.34
N GLY A 52 -14.95 22.55 -6.72
CA GLY A 52 -16.17 22.25 -7.44
C GLY A 52 -15.90 21.61 -8.79
N LEU A 53 -14.88 22.12 -9.49
CA LEU A 53 -14.50 21.58 -10.78
C LEU A 53 -13.95 20.16 -10.65
N LEU A 54 -13.10 19.95 -9.66
CA LEU A 54 -12.50 18.64 -9.44
C LEU A 54 -13.55 17.62 -8.99
N THR A 55 -14.49 18.06 -8.16
CA THR A 55 -15.57 17.20 -7.70
C THR A 55 -16.47 16.77 -8.85
N ASN A 56 -16.89 17.74 -9.65
CA ASN A 56 -17.73 17.45 -10.82
C ASN A 56 -17.03 16.53 -11.81
N LEU A 57 -15.72 16.71 -11.95
CA LEU A 57 -14.92 15.87 -12.83
C LEU A 57 -14.82 14.45 -12.28
N ALA A 58 -14.59 14.35 -10.98
CA ALA A 58 -14.45 13.05 -10.31
C ALA A 58 -15.73 12.22 -10.42
N ASP A 59 -16.87 12.87 -10.23
CA ASP A 59 -18.16 12.18 -10.26
C ASP A 59 -18.48 11.64 -11.65
N ARG A 60 -18.16 12.41 -12.68
CA ARG A 60 -18.40 11.97 -14.05
C ARG A 60 -17.45 10.84 -14.43
N GLU A 61 -16.27 10.84 -13.84
CA GLU A 61 -15.29 9.78 -14.09
C GLU A 61 -15.71 8.47 -13.44
N LEU A 62 -16.37 8.56 -12.28
CA LEU A 62 -16.80 7.39 -11.53
C LEU A 62 -17.75 6.53 -12.35
N VAL A 63 -18.63 7.17 -13.10
CA VAL A 63 -19.56 6.48 -13.98
C VAL A 63 -18.80 5.61 -14.99
N HIS A 64 -17.78 6.20 -15.61
CA HIS A 64 -16.96 5.49 -16.58
C HIS A 64 -16.05 4.46 -15.92
N MET A 65 -15.75 4.65 -14.64
CA MET A 65 -14.91 3.72 -13.91
C MET A 65 -15.63 2.39 -13.71
N ILE A 66 -16.94 2.46 -13.49
CA ILE A 66 -17.75 1.26 -13.28
C ILE A 66 -17.76 0.42 -14.56
N ASN A 67 -17.89 1.07 -15.71
CA ASN A 67 -17.85 0.37 -16.99
C ASN A 67 -16.50 -0.29 -17.20
N TRP A 68 -15.44 0.41 -16.83
CA TRP A 68 -14.08 -0.12 -16.92
C TRP A 68 -13.89 -1.33 -16.01
N ALA A 69 -14.38 -1.21 -14.78
CA ALA A 69 -14.25 -2.26 -13.79
C ALA A 69 -14.92 -3.55 -14.25
N LYS A 70 -16.08 -3.42 -14.88
CA LYS A 70 -16.83 -4.57 -15.37
C LYS A 70 -16.13 -5.23 -16.54
N ARG A 71 -15.17 -4.54 -17.13
CA ARG A 71 -14.42 -5.08 -18.26
C ARG A 71 -13.05 -5.60 -17.84
N VAL A 72 -12.75 -5.49 -16.54
CA VAL A 72 -11.55 -6.09 -15.98
C VAL A 72 -11.80 -7.58 -15.75
N PRO A 73 -10.99 -8.43 -16.39
CA PRO A 73 -11.17 -9.89 -16.39
C PRO A 73 -11.32 -10.48 -14.98
N GLY A 74 -12.47 -11.07 -14.69
CA GLY A 74 -12.70 -11.72 -13.42
C GLY A 74 -13.53 -10.91 -12.44
N PHE A 75 -13.74 -9.63 -12.74
CA PHE A 75 -14.46 -8.76 -11.83
C PHE A 75 -15.96 -9.05 -11.81
N VAL A 76 -16.54 -9.31 -12.98
CA VAL A 76 -17.97 -9.59 -13.07
C VAL A 76 -18.30 -11.00 -12.59
N ASP A 77 -17.27 -11.81 -12.37
CA ASP A 77 -17.46 -13.15 -11.84
C ASP A 77 -17.78 -13.11 -10.36
N LEU A 78 -17.44 -11.98 -9.72
CA LEU A 78 -17.72 -11.78 -8.31
C LEU A 78 -19.18 -11.43 -8.08
N THR A 79 -19.63 -11.54 -6.83
CA THR A 79 -20.97 -11.13 -6.48
C THR A 79 -21.09 -9.62 -6.53
N LEU A 80 -22.32 -9.13 -6.68
CA LEU A 80 -22.57 -7.69 -6.74
C LEU A 80 -22.09 -7.00 -5.47
N HIS A 81 -22.30 -7.66 -4.33
CA HIS A 81 -21.89 -7.14 -3.04
C HIS A 81 -20.38 -6.94 -2.96
N ASP A 82 -19.63 -7.90 -3.50
CA ASP A 82 -18.18 -7.84 -3.46
C ASP A 82 -17.62 -6.86 -4.48
N GLN A 83 -18.31 -6.70 -5.60
CA GLN A 83 -17.94 -5.70 -6.60
C GLN A 83 -18.03 -4.31 -5.98
N VAL A 84 -19.13 -4.06 -5.29
CA VAL A 84 -19.34 -2.78 -4.60
C VAL A 84 -18.23 -2.51 -3.59
N HIS A 85 -17.93 -3.52 -2.77
CA HIS A 85 -16.90 -3.40 -1.75
C HIS A 85 -15.53 -3.05 -2.33
N LEU A 86 -15.17 -3.73 -3.41
CA LEU A 86 -13.86 -3.51 -4.05
C LEU A 86 -13.74 -2.10 -4.61
N LEU A 87 -14.79 -1.64 -5.31
CA LEU A 87 -14.78 -0.30 -5.88
C LEU A 87 -14.88 0.79 -4.82
N GLU A 88 -15.64 0.52 -3.76
CA GLU A 88 -15.78 1.49 -2.67
C GLU A 88 -14.45 1.71 -1.97
N SER A 89 -13.61 0.68 -1.97
CA SER A 89 -12.31 0.77 -1.33
C SER A 89 -11.25 1.36 -2.25
N ALA A 90 -11.44 1.21 -3.56
CA ALA A 90 -10.37 1.51 -4.52
C ALA A 90 -10.62 2.73 -5.40
N TRP A 91 -11.85 3.24 -5.42
CA TRP A 91 -12.24 4.25 -6.42
C TRP A 91 -11.35 5.49 -6.44
N LEU A 92 -10.91 5.94 -5.27
CA LEU A 92 -10.09 7.16 -5.21
C LEU A 92 -8.66 6.87 -5.66
N GLU A 93 -8.14 5.71 -5.28
CA GLU A 93 -6.81 5.27 -5.73
C GLU A 93 -6.79 5.17 -7.24
N ILE A 94 -7.89 4.70 -7.82
CA ILE A 94 -8.01 4.52 -9.26
C ILE A 94 -8.04 5.88 -9.97
N LEU A 95 -8.76 6.83 -9.41
CA LEU A 95 -8.79 8.19 -9.94
C LEU A 95 -7.40 8.82 -9.89
N MET A 96 -6.70 8.59 -8.78
CA MET A 96 -5.38 9.18 -8.56
C MET A 96 -4.33 8.64 -9.50
N ILE A 97 -4.23 7.31 -9.60
CA ILE A 97 -3.23 6.70 -10.46
C ILE A 97 -3.48 7.06 -11.93
N GLY A 98 -4.75 7.26 -12.28
CA GLY A 98 -5.11 7.72 -13.61
C GLY A 98 -4.61 9.12 -13.82
N LEU A 99 -4.87 9.99 -12.83
CA LEU A 99 -4.39 11.37 -12.86
C LEU A 99 -2.87 11.42 -12.95
N VAL A 100 -2.21 10.64 -12.12
CA VAL A 100 -0.75 10.56 -12.09
C VAL A 100 -0.21 10.13 -13.45
N TRP A 101 -0.85 9.14 -14.06
CA TRP A 101 -0.48 8.67 -15.39
C TRP A 101 -0.62 9.77 -16.44
N ARG A 102 -1.72 10.54 -16.35
CA ARG A 102 -1.98 11.62 -17.30
C ARG A 102 -0.93 12.73 -17.19
N SER A 103 -0.30 12.85 -16.03
CA SER A 103 0.56 13.98 -15.73
C SER A 103 2.04 13.70 -15.91
N MET A 104 2.38 12.51 -16.42
CA MET A 104 3.77 12.08 -16.50
C MET A 104 4.67 13.02 -17.30
N GLU A 105 4.23 13.43 -18.50
CA GLU A 105 5.06 14.29 -19.34
C GLU A 105 4.73 15.77 -19.11
N HIS A 106 4.04 16.04 -18.00
CA HIS A 106 3.84 17.42 -17.55
C HIS A 106 4.45 17.61 -16.17
N PRO A 107 5.78 17.81 -16.11
CA PRO A 107 6.49 17.95 -14.84
C PRO A 107 6.02 19.16 -14.04
N GLY A 108 5.82 18.97 -12.73
CA GLY A 108 5.41 20.06 -11.86
C GLY A 108 3.94 20.41 -11.98
N LYS A 109 3.21 19.67 -12.80
CA LYS A 109 1.79 19.94 -13.03
C LYS A 109 0.95 18.68 -12.99
N LEU A 110 -0.34 18.86 -12.71
CA LEU A 110 -1.30 17.76 -12.70
C LEU A 110 -2.37 17.97 -13.76
N LEU A 111 -2.45 17.04 -14.70
CA LEU A 111 -3.44 17.12 -15.76
C LEU A 111 -4.73 16.44 -15.34
N PHE A 112 -5.55 17.16 -14.58
CA PHE A 112 -6.86 16.66 -14.18
C PHE A 112 -7.73 16.48 -15.42
N ALA A 113 -7.58 17.41 -16.35
CA ALA A 113 -8.29 17.38 -17.62
C ALA A 113 -7.45 18.12 -18.66
N PRO A 114 -7.66 17.82 -19.96
CA PRO A 114 -6.91 18.52 -21.01
C PRO A 114 -7.10 20.03 -20.97
N ASN A 115 -8.23 20.49 -20.46
CA ASN A 115 -8.50 21.91 -20.30
C ASN A 115 -8.34 22.36 -18.86
N LEU A 116 -7.69 21.53 -18.05
CA LEU A 116 -7.47 21.86 -16.65
C LEU A 116 -6.12 21.33 -16.17
N LEU A 117 -5.05 22.06 -16.51
CA LEU A 117 -3.70 21.71 -16.12
C LEU A 117 -3.21 22.67 -15.03
N LEU A 118 -2.90 22.14 -13.86
CA LEU A 118 -2.59 22.98 -12.70
C LEU A 118 -1.20 22.70 -12.11
N ASP A 119 -0.52 23.76 -11.68
CA ASP A 119 0.73 23.62 -10.94
C ASP A 119 0.45 23.61 -9.44
N ARG A 120 1.48 23.44 -8.63
CA ARG A 120 1.29 23.30 -7.19
C ARG A 120 0.81 24.59 -6.54
N ASN A 121 1.22 25.73 -7.07
CA ASN A 121 0.85 27.01 -6.50
C ASN A 121 -0.60 27.38 -6.81
N GLN A 122 -1.22 26.62 -7.71
CA GLN A 122 -2.64 26.78 -8.00
C GLN A 122 -3.48 25.97 -7.02
N GLY A 123 -3.00 24.78 -6.70
CA GLY A 123 -3.70 23.90 -5.78
C GLY A 123 -3.52 24.32 -4.34
N LYS A 124 -2.69 25.33 -4.11
CA LYS A 124 -2.41 25.81 -2.77
C LYS A 124 -3.59 26.60 -2.20
N SER A 125 -4.45 27.08 -3.10
CA SER A 125 -5.62 27.85 -2.69
C SER A 125 -6.82 26.93 -2.43
N GLY A 128 -7.85 22.55 2.42
CA GLY A 128 -6.45 22.73 2.76
C GLY A 128 -5.60 21.54 2.36
N MET A 129 -5.35 21.41 1.07
CA MET A 129 -4.69 20.21 0.59
C MET A 129 -3.83 20.43 -0.66
N VAL A 130 -2.83 21.30 -0.54
CA VAL A 130 -1.76 21.31 -1.53
C VAL A 130 -0.83 20.16 -1.14
N GLU A 131 -1.13 19.55 0.00
CA GLU A 131 -0.40 18.40 0.52
C GLU A 131 -0.48 17.19 -0.40
N ILE A 132 -1.70 16.77 -0.76
CA ILE A 132 -1.85 15.62 -1.63
C ILE A 132 -1.53 16.01 -3.07
N PHE A 133 -1.56 17.31 -3.34
CA PHE A 133 -1.12 17.83 -4.63
C PHE A 133 0.34 17.50 -4.85
N ASP A 134 1.16 17.83 -3.85
CA ASP A 134 2.59 17.54 -3.89
C ASP A 134 2.84 16.03 -3.93
N MET A 135 2.00 15.27 -3.23
CA MET A 135 2.15 13.82 -3.20
C MET A 135 1.83 13.21 -4.57
N LEU A 136 0.83 13.76 -5.24
CA LEU A 136 0.48 13.31 -6.59
C LEU A 136 1.58 13.66 -7.58
N LEU A 137 2.14 14.85 -7.44
CA LEU A 137 3.25 15.28 -8.27
C LEU A 137 4.47 14.38 -8.09
N ALA A 138 4.76 14.03 -6.83
CA ALA A 138 5.89 13.18 -6.51
C ALA A 138 5.73 11.78 -7.11
N THR A 139 4.48 11.30 -7.13
CA THR A 139 4.19 10.00 -7.72
C THR A 139 4.40 10.03 -9.23
N SER A 140 3.98 11.12 -9.85
CA SER A 140 4.14 11.30 -11.29
C SER A 140 5.62 11.34 -11.69
N SER A 141 6.42 11.98 -10.85
CA SER A 141 7.85 12.06 -11.09
C SER A 141 8.51 10.69 -10.96
N ARG A 142 8.00 9.88 -10.02
CA ARG A 142 8.49 8.53 -9.83
C ARG A 142 8.16 7.66 -11.04
N PHE A 143 6.95 7.79 -11.56
CA PHE A 143 6.55 7.09 -12.76
C PHE A 143 7.37 7.55 -13.96
N ARG A 144 7.75 8.82 -13.96
CA ARG A 144 8.57 9.38 -15.03
C ARG A 144 10.01 8.88 -14.93
N MET A 145 10.48 8.74 -13.69
CA MET A 145 11.82 8.21 -13.44
C MET A 145 11.92 6.75 -13.89
N MET A 146 10.86 5.99 -13.65
CA MET A 146 10.86 4.56 -13.95
C MET A 146 10.54 4.26 -15.42
N ASN A 147 10.13 5.29 -16.16
CA ASN A 147 9.68 5.12 -17.53
C ASN A 147 8.53 4.13 -17.60
N LEU A 148 7.48 4.39 -16.82
CA LEU A 148 6.31 3.52 -16.77
C LEU A 148 5.63 3.43 -18.13
N GLN A 149 5.29 2.21 -18.53
CA GLN A 149 4.62 1.98 -19.80
C GLN A 149 3.11 1.87 -19.61
N GLY A 150 2.36 2.05 -20.70
CA GLY A 150 0.92 1.99 -20.66
C GLY A 150 0.42 0.59 -20.31
N GLU A 151 1.12 -0.42 -20.80
CA GLU A 151 0.76 -1.81 -20.55
C GLU A 151 0.99 -2.15 -19.08
N GLU A 152 1.96 -1.48 -18.46
CA GLU A 152 2.23 -1.67 -17.04
C GLU A 152 1.20 -0.90 -16.20
N PHE A 153 0.84 0.29 -16.66
CA PHE A 153 -0.12 1.13 -15.97
C PHE A 153 -1.48 0.46 -15.80
N VAL A 154 -2.00 -0.12 -16.88
CA VAL A 154 -3.30 -0.78 -16.83
C VAL A 154 -3.27 -2.00 -15.92
N CYS A 155 -2.12 -2.65 -15.85
CA CYS A 155 -1.94 -3.79 -14.96
C CYS A 155 -2.01 -3.34 -13.50
N LEU A 156 -1.30 -2.25 -13.20
CA LEU A 156 -1.27 -1.71 -11.85
C LEU A 156 -2.65 -1.23 -11.40
N LYS A 157 -3.38 -0.60 -12.32
CA LYS A 157 -4.70 -0.06 -12.00
C LYS A 157 -5.69 -1.19 -11.71
N SER A 158 -5.57 -2.28 -12.45
CA SER A 158 -6.41 -3.45 -12.23
C SER A 158 -6.07 -4.12 -10.91
N ILE A 159 -4.78 -4.12 -10.56
CA ILE A 159 -4.32 -4.68 -9.29
C ILE A 159 -4.94 -3.92 -8.12
N ILE A 160 -4.96 -2.60 -8.22
CA ILE A 160 -5.57 -1.76 -7.20
C ILE A 160 -7.05 -2.11 -6.99
N LEU A 161 -7.77 -2.28 -8.09
CA LEU A 161 -9.19 -2.61 -8.05
C LEU A 161 -9.47 -3.89 -7.27
N LEU A 162 -8.65 -4.91 -7.49
CA LEU A 162 -8.90 -6.23 -6.94
C LEU A 162 -8.28 -6.42 -5.55
N ASN A 163 -7.29 -5.61 -5.20
CA ASN A 163 -6.52 -5.84 -3.99
C ASN A 163 -6.82 -4.90 -2.82
N SER A 164 -7.22 -3.67 -3.14
N SER A 164 -7.22 -3.67 -3.14
CA SER A 164 -7.41 -2.63 -2.13
CA SER A 164 -7.41 -2.63 -2.13
C SER A 164 -8.45 -3.01 -1.08
C SER A 164 -8.47 -2.99 -1.08
N GLY A 165 -9.46 -3.77 -1.48
CA GLY A 165 -10.54 -4.14 -0.57
C GLY A 165 -10.63 -5.62 -0.25
N VAL A 166 -9.64 -6.39 -0.69
CA VAL A 166 -9.69 -7.84 -0.55
C VAL A 166 -9.42 -8.30 0.89
N TYR A 167 -8.80 -7.45 1.68
CA TYR A 167 -8.45 -7.81 3.06
C TYR A 167 -9.46 -7.28 4.07
N THR A 168 -10.54 -6.66 3.58
CA THR A 168 -11.52 -6.05 4.47
C THR A 168 -12.95 -6.52 4.20
N PHE A 169 -13.09 -7.73 3.67
CA PHE A 169 -14.41 -8.31 3.45
C PHE A 169 -15.15 -8.49 4.78
N THR A 173 -17.61 -16.90 5.54
CA THR A 173 -18.55 -17.82 4.92
C THR A 173 -17.94 -18.47 3.69
N LEU A 174 -18.48 -19.62 3.31
CA LEU A 174 -17.96 -20.41 2.19
C LEU A 174 -17.85 -19.60 0.90
N LYS A 175 -18.83 -18.74 0.65
CA LYS A 175 -18.83 -17.90 -0.54
C LYS A 175 -17.67 -16.92 -0.55
N SER A 176 -17.45 -16.26 0.58
CA SER A 176 -16.37 -15.29 0.70
C SER A 176 -15.00 -15.94 0.48
N LEU A 177 -14.88 -17.20 0.88
CA LEU A 177 -13.65 -17.96 0.69
C LEU A 177 -13.38 -18.19 -0.79
N GLU A 178 -14.43 -18.52 -1.54
CA GLU A 178 -14.30 -18.73 -2.98
C GLU A 178 -14.04 -17.42 -3.70
N GLU A 179 -14.72 -16.36 -3.25
CA GLU A 179 -14.57 -15.04 -3.84
C GLU A 179 -13.15 -14.52 -3.67
N LYS A 180 -12.64 -14.58 -2.45
CA LYS A 180 -11.28 -14.11 -2.17
C LYS A 180 -10.24 -14.95 -2.90
N ASP A 181 -10.47 -16.26 -2.99
CA ASP A 181 -9.54 -17.13 -3.70
C ASP A 181 -9.51 -16.79 -5.19
N HIS A 182 -10.67 -16.52 -5.76
CA HIS A 182 -10.77 -16.15 -7.17
C HIS A 182 -10.04 -14.84 -7.43
N ILE A 183 -10.19 -13.88 -6.51
CA ILE A 183 -9.55 -12.59 -6.64
C ILE A 183 -8.02 -12.72 -6.63
N HIS A 184 -7.50 -13.53 -5.71
CA HIS A 184 -6.07 -13.74 -5.59
C HIS A 184 -5.51 -14.50 -6.80
N ARG A 185 -6.35 -15.30 -7.45
CA ARG A 185 -5.94 -16.01 -8.65
C ARG A 185 -5.81 -15.06 -9.84
N VAL A 186 -6.70 -14.10 -9.93
CA VAL A 186 -6.66 -13.11 -11.00
C VAL A 186 -5.46 -12.19 -10.82
N LEU A 187 -5.22 -11.81 -9.56
CA LEU A 187 -4.06 -10.98 -9.22
C LEU A 187 -2.75 -11.68 -9.61
N ASP A 188 -2.72 -13.00 -9.46
CA ASP A 188 -1.55 -13.77 -9.85
C ASP A 188 -1.35 -13.75 -11.36
N LYS A 189 -2.46 -13.76 -12.10
CA LYS A 189 -2.40 -13.70 -13.56
C LYS A 189 -1.87 -12.35 -14.03
N ILE A 190 -2.23 -11.29 -13.31
CA ILE A 190 -1.77 -9.95 -13.64
C ILE A 190 -0.28 -9.82 -13.31
N THR A 191 0.14 -10.47 -12.23
CA THR A 191 1.56 -10.51 -11.86
C THR A 191 2.37 -11.21 -12.94
N ASP A 192 1.87 -12.34 -13.42
CA ASP A 192 2.50 -13.08 -14.50
C ASP A 192 2.57 -12.22 -15.77
N THR A 193 1.52 -11.44 -15.99
CA THR A 193 1.45 -10.55 -17.14
C THR A 193 2.51 -9.46 -17.04
N LEU A 194 2.66 -8.87 -15.86
CA LEU A 194 3.68 -7.86 -15.61
C LEU A 194 5.08 -8.41 -15.88
N ILE A 195 5.34 -9.62 -15.39
CA ILE A 195 6.62 -10.28 -15.61
C ILE A 195 6.85 -10.51 -17.10
N HIS A 196 5.81 -10.93 -17.81
CA HIS A 196 5.91 -11.17 -19.24
C HIS A 196 6.21 -9.89 -20.01
N LEU A 197 5.61 -8.80 -19.58
CA LEU A 197 5.83 -7.49 -20.20
C LEU A 197 7.29 -7.06 -20.09
N MET A 198 7.90 -7.34 -18.94
CA MET A 198 9.27 -6.93 -18.67
C MET A 198 10.27 -7.91 -19.28
N ALA A 199 9.86 -9.18 -19.39
CA ALA A 199 10.70 -10.18 -20.03
C ALA A 199 10.82 -9.90 -21.52
N LYS A 200 9.72 -9.49 -22.12
CA LYS A 200 9.69 -9.14 -23.54
C LYS A 200 10.41 -7.81 -23.79
N ALA A 201 10.48 -6.99 -22.74
CA ALA A 201 11.16 -5.70 -22.82
C ALA A 201 12.68 -5.86 -22.75
N GLY A 202 13.12 -7.09 -22.53
CA GLY A 202 14.54 -7.40 -22.54
C GLY A 202 15.20 -7.43 -21.18
N LEU A 203 14.41 -7.22 -20.13
CA LEU A 203 14.93 -7.23 -18.76
C LEU A 203 15.41 -8.61 -18.35
N THR A 204 16.49 -8.66 -17.58
CA THR A 204 16.98 -9.91 -17.01
C THR A 204 16.00 -10.36 -15.92
N LEU A 205 16.10 -11.62 -15.51
CA LEU A 205 15.23 -12.16 -14.48
C LEU A 205 15.35 -11.38 -13.18
N GLN A 206 16.55 -10.88 -12.90
CA GLN A 206 16.77 -10.07 -11.71
C GLN A 206 16.10 -8.70 -11.86
N GLN A 207 16.19 -8.12 -13.06
CA GLN A 207 15.57 -6.83 -13.33
C GLN A 207 14.06 -6.93 -13.34
N GLN A 208 13.54 -8.12 -13.60
CA GLN A 208 12.11 -8.36 -13.66
C GLN A 208 11.45 -8.21 -12.29
N HIS A 209 11.91 -9.01 -11.32
CA HIS A 209 11.30 -8.99 -9.99
C HIS A 209 11.65 -7.71 -9.24
N GLN A 210 12.76 -7.07 -9.61
CA GLN A 210 13.12 -5.80 -9.02
C GLN A 210 12.15 -4.71 -9.46
N ARG A 211 11.87 -4.64 -10.75
CA ARG A 211 10.95 -3.66 -11.28
C ARG A 211 9.52 -3.95 -10.81
N LEU A 212 9.20 -5.23 -10.69
CA LEU A 212 7.91 -5.65 -10.16
C LEU A 212 7.72 -5.11 -8.76
N ALA A 213 8.75 -5.25 -7.93
CA ALA A 213 8.71 -4.78 -6.55
C ALA A 213 8.58 -3.27 -6.48
N GLN A 214 9.34 -2.57 -7.32
CA GLN A 214 9.30 -1.11 -7.36
C GLN A 214 7.91 -0.59 -7.72
N LEU A 215 7.26 -1.26 -8.67
CA LEU A 215 5.94 -0.85 -9.12
C LEU A 215 4.87 -1.06 -8.05
N LEU A 216 4.93 -2.20 -7.37
CA LEU A 216 3.94 -2.54 -6.35
C LEU A 216 4.11 -1.71 -5.08
N LEU A 217 5.34 -1.35 -4.77
CA LEU A 217 5.62 -0.55 -3.58
C LEU A 217 5.03 0.86 -3.72
N ILE A 218 4.95 1.33 -4.96
CA ILE A 218 4.34 2.62 -5.25
C ILE A 218 2.85 2.61 -4.89
N LEU A 219 2.23 1.44 -5.00
CA LEU A 219 0.81 1.29 -4.68
C LEU A 219 0.50 1.60 -3.22
N SER A 220 1.49 1.37 -2.35
N SER A 220 1.48 1.39 -2.34
CA SER A 220 1.34 1.69 -0.94
CA SER A 220 1.31 1.70 -0.93
C SER A 220 1.24 3.20 -0.74
C SER A 220 1.29 3.19 -0.69
N HIS A 221 1.97 3.94 -1.55
CA HIS A 221 1.96 5.40 -1.49
C HIS A 221 0.65 5.96 -2.06
N ILE A 222 0.13 5.28 -3.07
CA ILE A 222 -1.14 5.66 -3.68
C ILE A 222 -2.27 5.41 -2.69
N ARG A 223 -2.17 4.31 -1.95
CA ARG A 223 -3.10 4.03 -0.86
C ARG A 223 -3.04 5.16 0.18
N HIS A 224 -1.82 5.59 0.47
CA HIS A 224 -1.58 6.66 1.43
C HIS A 224 -2.25 7.96 0.98
N MET A 225 -2.08 8.30 -0.29
CA MET A 225 -2.68 9.50 -0.85
C MET A 225 -4.20 9.44 -0.80
N SER A 226 -4.75 8.26 -1.08
CA SER A 226 -6.20 8.06 -1.03
C SER A 226 -6.75 8.30 0.37
N ASN A 227 -6.05 7.77 1.37
CA ASN A 227 -6.43 7.96 2.76
C ASN A 227 -6.48 9.44 3.14
N LYS A 228 -5.42 10.17 2.76
CA LYS A 228 -5.37 11.60 3.03
C LYS A 228 -6.45 12.33 2.25
N GLY A 229 -6.73 11.85 1.05
CA GLY A 229 -7.76 12.43 0.21
C GLY A 229 -9.14 12.23 0.80
N MET A 230 -9.42 11.01 1.25
N MET A 230 -9.42 11.01 1.26
CA MET A 230 -10.70 10.67 1.88
CA MET A 230 -10.72 10.70 1.86
C MET A 230 -10.89 11.42 3.18
C MET A 230 -10.90 11.41 3.20
N GLU A 231 -9.79 11.73 3.85
CA GLU A 231 -9.82 12.45 5.11
C GLU A 231 -10.30 13.89 4.90
N HIS A 232 -10.14 14.37 3.66
CA HIS A 232 -10.55 15.71 3.28
C HIS A 232 -11.97 15.73 2.75
N LEU A 233 -12.34 14.68 2.01
CA LEU A 233 -13.69 14.57 1.47
C LEU A 233 -14.70 14.29 2.58
N TYR A 234 -14.23 13.70 3.67
CA TYR A 234 -15.07 13.43 4.83
C TYR A 234 -15.11 14.65 5.75
N ASN A 240 -27.10 15.57 4.12
CA ASN A 240 -27.58 14.25 3.72
C ASN A 240 -27.22 13.92 2.29
N VAL A 241 -26.93 12.64 2.04
CA VAL A 241 -26.61 12.14 0.72
C VAL A 241 -26.60 10.62 0.74
N VAL A 242 -27.00 10.00 -0.37
CA VAL A 242 -26.96 8.55 -0.49
C VAL A 242 -25.54 8.06 -0.31
N PRO A 243 -25.34 7.08 0.60
CA PRO A 243 -24.02 6.49 0.81
C PRO A 243 -23.44 5.97 -0.50
N LEU A 244 -22.12 6.05 -0.64
CA LEU A 244 -21.46 5.73 -1.90
C LEU A 244 -21.72 4.29 -2.33
N SER A 245 -21.87 3.40 -1.36
CA SER A 245 -22.08 1.98 -1.63
C SER A 245 -23.33 1.72 -2.46
N ASP A 246 -24.40 2.44 -2.16
CA ASP A 246 -25.66 2.27 -2.87
C ASP A 246 -25.64 2.93 -4.25
N LEU A 247 -24.87 4.01 -4.38
CA LEU A 247 -24.69 4.64 -5.68
C LEU A 247 -23.89 3.70 -6.58
N LEU A 248 -22.86 3.09 -6.02
CA LEU A 248 -22.08 2.07 -6.72
C LEU A 248 -22.97 0.87 -7.02
N LEU A 249 -23.83 0.52 -6.07
CA LEU A 249 -24.77 -0.58 -6.22
C LEU A 249 -25.69 -0.34 -7.41
N GLU A 250 -26.20 0.87 -7.52
CA GLU A 250 -27.11 1.25 -8.60
C GLU A 250 -26.45 1.15 -9.97
N MET A 251 -25.24 1.69 -10.08
CA MET A 251 -24.51 1.70 -11.35
C MET A 251 -24.02 0.31 -11.74
N LEU A 252 -23.70 -0.51 -10.76
CA LEU A 252 -23.21 -1.87 -11.02
C LEU A 252 -24.35 -2.82 -11.34
N ASP A 253 -25.44 -2.74 -10.57
CA ASP A 253 -26.58 -3.62 -10.79
C ASP A 253 -27.46 -3.13 -11.93
N ALA A 254 -26.90 -3.15 -13.14
CA ALA A 254 -27.64 -2.72 -14.32
C ALA A 254 -28.39 -3.91 -14.93
N HIS A 255 -29.52 -3.62 -15.55
CA HIS A 255 -30.30 -4.66 -16.21
C HIS A 255 -29.67 -5.05 -17.55
N ARG A 256 -30.33 -5.93 -18.29
CA ARG A 256 -29.83 -6.38 -19.58
C ARG A 256 -30.77 -5.96 -20.70
N LEU A 257 -31.35 -4.77 -20.56
CA LEU A 257 -32.35 -4.29 -21.49
C LEU A 257 -31.79 -3.29 -22.49
N HIS A 258 -30.51 -2.97 -22.36
CA HIS A 258 -29.85 -2.06 -23.29
C HIS A 258 -28.84 -2.80 -24.17
N ALA B 15 26.64 -2.87 2.72
CA ALA B 15 25.23 -3.22 2.67
C ALA B 15 24.83 -3.72 1.29
N LEU B 16 25.33 -3.05 0.25
CA LEU B 16 25.05 -3.43 -1.12
C LEU B 16 25.97 -4.55 -1.58
N SER B 17 26.93 -4.91 -0.73
CA SER B 17 27.87 -5.98 -1.02
C SER B 17 27.46 -7.28 -0.32
N LEU B 18 26.44 -7.18 0.52
CA LEU B 18 25.93 -8.33 1.26
C LEU B 18 25.23 -9.32 0.34
N THR B 19 25.47 -10.60 0.55
CA THR B 19 24.76 -11.65 -0.17
C THR B 19 23.36 -11.80 0.42
N ALA B 20 22.54 -12.64 -0.18
CA ALA B 20 21.17 -12.84 0.27
C ALA B 20 21.13 -13.42 1.69
N ASP B 21 21.94 -14.45 1.92
CA ASP B 21 21.99 -15.11 3.23
C ASP B 21 22.58 -14.18 4.30
N GLN B 22 23.48 -13.30 3.88
CA GLN B 22 24.07 -12.33 4.80
C GLN B 22 23.06 -11.26 5.17
N MET B 23 22.19 -10.91 4.22
CA MET B 23 21.12 -9.95 4.47
C MET B 23 20.14 -10.52 5.49
N VAL B 24 19.80 -11.79 5.34
CA VAL B 24 18.86 -12.46 6.23
C VAL B 24 19.39 -12.54 7.66
N SER B 25 20.61 -13.04 7.82
CA SER B 25 21.22 -13.21 9.13
C SER B 25 21.38 -11.86 9.84
N ALA B 26 21.72 -10.83 9.08
CA ALA B 26 21.87 -9.50 9.63
C ALA B 26 20.53 -8.94 10.10
N LEU B 27 19.48 -9.20 9.30
CA LEU B 27 18.13 -8.76 9.65
C LEU B 27 17.62 -9.49 10.88
N LEU B 28 17.79 -10.81 10.91
CA LEU B 28 17.35 -11.63 12.03
C LEU B 28 18.07 -11.27 13.32
N ASP B 29 19.33 -10.89 13.20
CA ASP B 29 20.13 -10.49 14.35
C ASP B 29 19.67 -9.15 14.90
N ALA B 30 19.23 -8.28 14.00
CA ALA B 30 18.82 -6.92 14.37
C ALA B 30 17.44 -6.90 15.02
N GLU B 31 16.78 -8.05 15.07
CA GLU B 31 15.43 -8.16 15.61
C GLU B 31 15.30 -7.62 17.03
N PRO B 32 14.30 -6.75 17.25
CA PRO B 32 14.03 -6.19 18.57
C PRO B 32 13.44 -7.24 19.50
N PRO B 33 13.54 -7.04 20.82
CA PRO B 33 12.95 -7.99 21.76
C PRO B 33 11.45 -7.83 21.87
N ILE B 34 10.78 -8.86 22.36
CA ILE B 34 9.35 -8.77 22.65
C ILE B 34 9.15 -8.26 24.07
N LEU B 35 8.53 -7.10 24.19
CA LEU B 35 8.35 -6.46 25.49
C LEU B 35 7.05 -6.90 26.15
N TYR B 36 6.93 -6.63 27.45
CA TYR B 36 5.74 -6.96 28.20
C TYR B 36 4.94 -5.72 28.56
N SER B 37 3.63 -5.87 28.66
CA SER B 37 2.77 -4.77 29.08
C SER B 37 3.07 -4.44 30.54
N GLU B 38 3.20 -3.15 30.83
CA GLU B 38 3.51 -2.71 32.19
C GLU B 38 2.24 -2.58 33.03
N TYR B 39 1.70 -3.71 33.46
CA TYR B 39 0.57 -3.70 34.38
C TYR B 39 0.75 -4.83 35.39
N ASP B 40 0.19 -4.65 36.57
CA ASP B 40 0.33 -5.64 37.62
C ASP B 40 -0.72 -6.74 37.43
N PRO B 41 -0.24 -8.00 37.33
CA PRO B 41 -1.17 -9.12 37.12
C PRO B 41 -1.93 -9.48 38.40
N THR B 42 -1.42 -9.07 39.56
CA THR B 42 -2.05 -9.43 40.83
C THR B 42 -3.31 -8.61 41.14
N ARG B 43 -3.37 -7.38 40.66
CA ARG B 43 -4.58 -6.55 40.80
C ARG B 43 -5.55 -6.86 39.65
N PRO B 44 -6.83 -6.48 39.80
CA PRO B 44 -7.80 -6.70 38.73
C PRO B 44 -7.52 -5.94 37.43
N PHE B 45 -8.31 -6.23 36.41
CA PHE B 45 -8.19 -5.57 35.11
C PHE B 45 -8.97 -4.26 35.09
N SER B 49 -7.15 0.86 32.01
CA SER B 49 -7.45 1.49 30.73
C SER B 49 -6.57 0.90 29.63
N MET B 50 -7.20 0.32 28.62
CA MET B 50 -6.50 -0.44 27.60
C MET B 50 -5.55 0.42 26.75
N MET B 51 -6.02 1.58 26.32
CA MET B 51 -5.23 2.47 25.48
C MET B 51 -3.92 2.87 26.14
N GLY B 52 -3.98 3.13 27.44
CA GLY B 52 -2.79 3.47 28.22
C GLY B 52 -1.76 2.36 28.18
N LEU B 53 -2.22 1.12 28.34
CA LEU B 53 -1.35 -0.04 28.26
C LEU B 53 -0.72 -0.16 26.87
N LEU B 54 -1.51 0.10 25.85
CA LEU B 54 -1.03 0.02 24.47
C LEU B 54 -0.09 1.17 24.14
N THR B 55 -0.41 2.35 24.64
CA THR B 55 0.42 3.53 24.42
C THR B 55 1.78 3.36 25.09
N ASN B 56 1.79 2.88 26.32
CA ASN B 56 3.03 2.67 27.06
C ASN B 56 3.91 1.63 26.41
N LEU B 57 3.29 0.57 25.88
CA LEU B 57 4.02 -0.49 25.22
C LEU B 57 4.65 0.00 23.91
N ALA B 58 3.89 0.79 23.16
CA ALA B 58 4.34 1.32 21.88
C ALA B 58 5.55 2.24 22.04
N ASP B 59 5.51 3.08 23.06
CA ASP B 59 6.59 4.03 23.32
C ASP B 59 7.88 3.31 23.70
N ARG B 60 7.76 2.25 24.50
CA ARG B 60 8.93 1.47 24.89
C ARG B 60 9.48 0.69 23.70
N GLU B 61 8.58 0.24 22.82
CA GLU B 61 8.99 -0.47 21.61
C GLU B 61 9.73 0.44 20.65
N LEU B 62 9.31 1.69 20.58
CA LEU B 62 9.90 2.67 19.67
C LEU B 62 11.39 2.86 19.92
N VAL B 63 11.76 2.89 21.20
CA VAL B 63 13.17 3.01 21.59
C VAL B 63 13.98 1.87 20.99
N HIS B 64 13.45 0.65 21.10
CA HIS B 64 14.11 -0.52 20.54
C HIS B 64 14.04 -0.55 19.02
N MET B 65 13.02 0.09 18.46
CA MET B 65 12.87 0.16 17.01
C MET B 65 14.01 0.96 16.39
N ILE B 66 14.43 2.02 17.07
CA ILE B 66 15.53 2.85 16.60
C ILE B 66 16.82 2.04 16.55
N ASN B 67 17.04 1.21 17.56
CA ASN B 67 18.18 0.29 17.58
C ASN B 67 18.13 -0.67 16.41
N TRP B 68 16.94 -1.20 16.14
CA TRP B 68 16.73 -2.11 15.03
C TRP B 68 16.97 -1.42 13.69
N ALA B 69 16.45 -0.20 13.56
CA ALA B 69 16.56 0.57 12.33
C ALA B 69 18.02 0.84 11.97
N LYS B 70 18.82 1.20 12.99
CA LYS B 70 20.22 1.52 12.78
C LYS B 70 21.04 0.28 12.40
N ARG B 71 20.43 -0.90 12.55
CA ARG B 71 21.11 -2.15 12.21
C ARG B 71 20.57 -2.74 10.91
N VAL B 72 19.57 -2.09 10.34
CA VAL B 72 19.12 -2.44 9.00
C VAL B 72 20.14 -1.91 7.98
N PRO B 73 20.69 -2.82 7.15
CA PRO B 73 21.75 -2.50 6.19
C PRO B 73 21.45 -1.30 5.31
N GLY B 74 22.33 -0.30 5.35
CA GLY B 74 22.19 0.87 4.50
C GLY B 74 21.49 2.05 5.14
N PHE B 75 20.86 1.80 6.28
CA PHE B 75 20.08 2.85 6.96
C PHE B 75 20.98 3.92 7.57
N VAL B 76 22.09 3.50 8.19
CA VAL B 76 23.01 4.45 8.80
C VAL B 76 23.83 5.19 7.76
N ASP B 77 23.82 4.69 6.53
CA ASP B 77 24.51 5.34 5.44
C ASP B 77 23.79 6.63 5.02
N LEU B 78 22.55 6.77 5.47
CA LEU B 78 21.75 7.94 5.17
C LEU B 78 22.01 9.07 6.15
N THR B 79 21.60 10.28 5.79
CA THR B 79 21.72 11.42 6.68
C THR B 79 20.78 11.27 7.86
N LEU B 80 21.10 11.93 8.97
CA LEU B 80 20.26 11.91 10.16
C LEU B 80 18.86 12.40 9.84
N HIS B 81 18.78 13.45 9.03
CA HIS B 81 17.52 14.05 8.65
C HIS B 81 16.62 13.07 7.90
N ASP B 82 17.21 12.28 7.01
CA ASP B 82 16.46 11.32 6.22
C ASP B 82 16.07 10.09 7.05
N GLN B 83 16.92 9.73 8.00
CA GLN B 83 16.61 8.65 8.93
C GLN B 83 15.37 8.99 9.73
N VAL B 84 15.31 10.23 10.20
CA VAL B 84 14.15 10.73 10.94
C VAL B 84 12.89 10.69 10.08
N HIS B 85 13.02 11.12 8.83
CA HIS B 85 11.89 11.14 7.91
C HIS B 85 11.34 9.75 7.65
N LEU B 86 12.24 8.80 7.42
CA LEU B 86 11.84 7.42 7.14
C LEU B 86 11.11 6.79 8.33
N LEU B 87 11.69 6.95 9.51
CA LEU B 87 11.10 6.39 10.73
C LEU B 87 9.78 7.06 11.09
N GLU B 88 9.69 8.38 10.90
CA GLU B 88 8.47 9.10 11.22
C GLU B 88 7.32 8.65 10.32
N SER B 89 7.65 8.21 9.10
N SER B 89 7.66 8.21 9.11
CA SER B 89 6.65 7.74 8.17
CA SER B 89 6.65 7.75 8.16
C SER B 89 6.26 6.29 8.45
C SER B 89 6.27 6.28 8.38
N ALA B 90 7.24 5.49 8.86
CA ALA B 90 7.05 4.04 8.94
C ALA B 90 6.79 3.46 10.33
N TRP B 91 7.01 4.24 11.39
CA TRP B 91 7.04 3.69 12.75
C TRP B 91 5.77 2.92 13.15
N LEU B 92 4.60 3.41 12.76
CA LEU B 92 3.36 2.75 13.14
C LEU B 92 3.14 1.47 12.32
N GLU B 93 3.50 1.53 11.04
CA GLU B 93 3.46 0.35 10.17
C GLU B 93 4.34 -0.75 10.74
N ILE B 94 5.52 -0.36 11.21
CA ILE B 94 6.50 -1.29 11.75
C ILE B 94 5.98 -1.94 13.03
N LEU B 95 5.38 -1.14 13.90
CA LEU B 95 4.75 -1.66 15.12
C LEU B 95 3.63 -2.64 14.78
N MET B 96 2.87 -2.32 13.74
CA MET B 96 1.71 -3.12 13.36
C MET B 96 2.11 -4.46 12.76
N ILE B 97 3.07 -4.46 11.84
CA ILE B 97 3.47 -5.69 11.18
C ILE B 97 4.17 -6.62 12.18
N GLY B 98 4.78 -6.05 13.20
CA GLY B 98 5.38 -6.82 14.27
C GLY B 98 4.28 -7.45 15.11
N LEU B 99 3.21 -6.70 15.32
CA LEU B 99 2.06 -7.18 16.10
C LEU B 99 1.39 -8.36 15.43
N VAL B 100 1.08 -8.23 14.14
CA VAL B 100 0.37 -9.29 13.42
C VAL B 100 1.27 -10.51 13.24
N TRP B 101 2.58 -10.30 13.24
CA TRP B 101 3.54 -11.38 13.11
C TRP B 101 3.51 -12.31 14.31
N ARG B 102 3.52 -11.73 15.51
CA ARG B 102 3.52 -12.52 16.73
C ARG B 102 2.09 -12.93 17.13
N SER B 103 1.12 -12.46 16.36
CA SER B 103 -0.28 -12.84 16.59
C SER B 103 -0.70 -13.91 15.58
N MET B 104 0.21 -14.27 14.69
CA MET B 104 -0.06 -15.20 13.60
C MET B 104 -0.50 -16.57 14.09
N GLU B 105 0.04 -16.99 15.23
CA GLU B 105 -0.30 -18.30 15.80
C GLU B 105 -1.42 -18.17 16.83
N HIS B 106 -2.14 -17.06 16.78
CA HIS B 106 -3.28 -16.85 17.69
C HIS B 106 -4.49 -16.35 16.91
N PRO B 107 -5.24 -17.27 16.29
CA PRO B 107 -6.41 -16.90 15.48
C PRO B 107 -7.46 -16.16 16.30
N GLY B 108 -7.92 -15.02 15.79
CA GLY B 108 -8.96 -14.25 16.45
C GLY B 108 -8.45 -13.41 17.61
N LYS B 109 -7.14 -13.38 17.80
CA LYS B 109 -6.55 -12.63 18.91
C LYS B 109 -5.30 -11.86 18.49
N LEU B 110 -4.99 -10.80 19.23
CA LEU B 110 -3.82 -9.98 18.97
C LEU B 110 -2.86 -10.03 20.16
N LEU B 111 -1.66 -10.54 19.92
CA LEU B 111 -0.65 -10.64 20.97
C LEU B 111 0.17 -9.37 21.06
N PHE B 112 -0.39 -8.34 21.70
CA PHE B 112 0.32 -7.10 21.93
C PHE B 112 1.57 -7.38 22.77
N ALA B 113 1.39 -8.25 23.76
CA ALA B 113 2.47 -8.69 24.62
C ALA B 113 2.14 -10.09 25.12
N PRO B 114 3.17 -10.87 25.51
CA PRO B 114 2.95 -12.22 26.05
C PRO B 114 2.00 -12.25 27.24
N ASN B 115 1.91 -11.13 27.96
CA ASN B 115 0.98 -11.03 29.08
C ASN B 115 -0.23 -10.16 28.73
N LEU B 116 -0.35 -9.83 27.45
CA LEU B 116 -1.48 -9.03 26.98
C LEU B 116 -2.01 -9.57 25.65
N LEU B 117 -2.87 -10.58 25.74
CA LEU B 117 -3.49 -11.19 24.58
C LEU B 117 -4.99 -10.85 24.54
N LEU B 118 -5.41 -10.15 23.50
CA LEU B 118 -6.79 -9.66 23.43
C LEU B 118 -7.55 -10.21 22.24
N ASP B 119 -8.82 -10.57 22.46
CA ASP B 119 -9.70 -10.96 21.36
C ASP B 119 -10.38 -9.71 20.80
N ARG B 120 -11.32 -9.89 19.89
N ARG B 120 -11.29 -9.93 19.87
CA ARG B 120 -11.91 -8.72 19.23
CA ARG B 120 -12.02 -8.86 19.18
C ARG B 120 -12.96 -8.02 20.08
C ARG B 120 -12.86 -8.04 20.14
N ASN B 121 -13.55 -8.73 21.05
CA ASN B 121 -14.50 -8.10 21.95
C ASN B 121 -13.81 -7.18 22.94
N GLN B 122 -12.58 -7.53 23.31
CA GLN B 122 -11.77 -6.69 24.19
C GLN B 122 -11.27 -5.47 23.43
N GLY B 123 -11.58 -5.42 22.14
CA GLY B 123 -11.23 -4.29 21.31
C GLY B 123 -12.18 -3.10 21.43
N LYS B 124 -13.40 -3.33 21.90
CA LYS B 124 -14.38 -2.23 21.99
C LYS B 124 -14.13 -1.29 23.17
N SER B 125 -12.91 -1.32 23.72
CA SER B 125 -12.59 -0.56 24.92
C SER B 125 -13.03 0.91 24.84
N VAL B 126 -12.57 1.60 23.81
CA VAL B 126 -12.88 3.01 23.63
C VAL B 126 -13.32 3.26 22.19
N GLU B 127 -14.09 4.32 21.97
CA GLU B 127 -14.47 4.72 20.62
C GLU B 127 -13.25 5.23 19.86
N MET B 129 -11.59 1.74 17.93
CA MET B 129 -10.34 1.00 17.90
C MET B 129 -10.54 -0.46 17.52
N VAL B 130 -11.79 -0.94 17.65
CA VAL B 130 -12.12 -2.29 17.22
C VAL B 130 -12.08 -2.36 15.69
N GLU B 131 -12.20 -1.19 15.06
CA GLU B 131 -12.10 -1.08 13.62
C GLU B 131 -10.69 -1.42 13.15
N ILE B 132 -9.70 -0.89 13.85
CA ILE B 132 -8.31 -1.20 13.57
C ILE B 132 -8.00 -2.64 13.99
N PHE B 133 -8.65 -3.07 15.07
CA PHE B 133 -8.47 -4.41 15.61
C PHE B 133 -8.79 -5.48 14.55
N ASP B 134 -9.95 -5.35 13.93
CA ASP B 134 -10.38 -6.29 12.90
C ASP B 134 -9.44 -6.28 11.70
N MET B 135 -8.92 -5.11 11.37
CA MET B 135 -7.97 -4.98 10.26
C MET B 135 -6.66 -5.70 10.59
N LEU B 136 -6.21 -5.56 11.83
CA LEU B 136 -5.00 -6.25 12.29
C LEU B 136 -5.22 -7.76 12.31
N LEU B 137 -6.39 -8.17 12.79
CA LEU B 137 -6.74 -9.59 12.82
C LEU B 137 -6.79 -10.18 11.42
N ALA B 138 -7.37 -9.43 10.48
CA ALA B 138 -7.49 -9.87 9.10
C ALA B 138 -6.12 -10.02 8.44
N THR B 139 -5.19 -9.12 8.80
CA THR B 139 -3.84 -9.17 8.28
C THR B 139 -3.10 -10.41 8.79
N SER B 140 -3.30 -10.72 10.06
CA SER B 140 -2.64 -11.86 10.69
C SER B 140 -3.13 -13.17 10.09
N SER B 141 -4.41 -13.22 9.73
CA SER B 141 -4.97 -14.41 9.12
C SER B 141 -4.47 -14.58 7.70
N ARG B 142 -4.23 -13.45 7.02
CA ARG B 142 -3.66 -13.46 5.68
C ARG B 142 -2.24 -14.01 5.71
N PHE B 143 -1.48 -13.59 6.72
CA PHE B 143 -0.14 -14.12 6.93
C PHE B 143 -0.19 -15.61 7.25
N ARG B 144 -1.18 -16.00 8.05
CA ARG B 144 -1.33 -17.39 8.47
C ARG B 144 -1.69 -18.29 7.29
N MET B 145 -2.49 -17.77 6.37
CA MET B 145 -2.88 -18.52 5.18
C MET B 145 -1.74 -18.64 4.18
N MET B 146 -0.87 -17.63 4.16
CA MET B 146 0.27 -17.63 3.25
C MET B 146 1.46 -18.40 3.83
N ASN B 147 1.35 -18.78 5.09
CA ASN B 147 2.45 -19.42 5.82
C ASN B 147 3.70 -18.56 5.76
N LEU B 148 3.58 -17.33 6.26
CA LEU B 148 4.69 -16.39 6.24
C LEU B 148 5.86 -16.90 7.08
N GLN B 149 7.05 -16.90 6.48
CA GLN B 149 8.26 -17.35 7.18
C GLN B 149 8.94 -16.17 7.86
N GLY B 150 9.74 -16.47 8.88
CA GLY B 150 10.44 -15.45 9.63
C GLY B 150 11.44 -14.69 8.79
N GLU B 151 12.05 -15.38 7.83
CA GLU B 151 13.00 -14.76 6.92
C GLU B 151 12.30 -13.75 6.02
N GLU B 152 11.06 -14.06 5.66
CA GLU B 152 10.26 -13.18 4.82
C GLU B 152 9.78 -11.97 5.63
N PHE B 153 9.38 -12.22 6.87
CA PHE B 153 8.87 -11.18 7.76
C PHE B 153 9.87 -10.03 7.97
N VAL B 154 11.12 -10.37 8.26
CA VAL B 154 12.13 -9.36 8.52
C VAL B 154 12.47 -8.56 7.26
N CYS B 155 12.37 -9.20 6.10
CA CYS B 155 12.58 -8.52 4.83
C CYS B 155 11.49 -7.48 4.62
N LEU B 156 10.24 -7.89 4.82
CA LEU B 156 9.10 -7.00 4.62
C LEU B 156 9.14 -5.81 5.56
N LYS B 157 9.55 -6.04 6.80
CA LYS B 157 9.62 -4.98 7.79
C LYS B 157 10.69 -3.96 7.44
N SER B 158 11.82 -4.44 6.93
CA SER B 158 12.89 -3.57 6.47
C SER B 158 12.45 -2.77 5.24
N ILE B 159 11.64 -3.39 4.40
CA ILE B 159 11.10 -2.73 3.21
C ILE B 159 10.22 -1.56 3.62
N ILE B 160 9.36 -1.78 4.60
CA ILE B 160 8.50 -0.72 5.14
C ILE B 160 9.31 0.47 5.60
N LEU B 161 10.39 0.21 6.33
CA LEU B 161 11.25 1.26 6.86
C LEU B 161 11.83 2.15 5.75
N LEU B 162 12.29 1.52 4.68
CA LEU B 162 12.98 2.24 3.61
C LEU B 162 12.04 2.82 2.56
N ASN B 163 10.86 2.25 2.43
CA ASN B 163 9.95 2.63 1.34
C ASN B 163 8.86 3.61 1.72
N SER B 164 8.35 3.51 2.95
CA SER B 164 7.17 4.26 3.37
C SER B 164 7.30 5.78 3.23
N GLY B 165 8.50 6.31 3.41
CA GLY B 165 8.69 7.75 3.35
C GLY B 165 9.59 8.22 2.23
N VAL B 166 9.92 7.33 1.31
CA VAL B 166 10.87 7.63 0.24
C VAL B 166 10.24 8.50 -0.84
N TYR B 167 8.91 8.57 -0.86
CA TYR B 167 8.21 9.35 -1.88
C TYR B 167 7.76 10.70 -1.35
N THR B 168 8.15 11.03 -0.13
CA THR B 168 7.75 12.29 0.49
C THR B 168 8.93 13.11 0.98
N PHE B 169 10.10 12.91 0.37
CA PHE B 169 11.27 13.71 0.69
C PHE B 169 11.11 15.15 0.20
N SER B 172 14.83 18.01 -3.61
CA SER B 172 15.31 17.81 -4.97
C SER B 172 16.78 18.21 -5.11
N THR B 173 17.47 18.31 -3.98
CA THR B 173 18.89 18.65 -3.97
C THR B 173 19.70 17.49 -4.55
N LEU B 174 20.97 17.76 -4.85
CA LEU B 174 21.87 16.71 -5.32
C LEU B 174 22.02 15.64 -4.25
N LYS B 175 22.09 16.08 -3.00
CA LYS B 175 22.20 15.19 -1.86
C LYS B 175 21.01 14.22 -1.78
N SER B 176 19.81 14.77 -1.85
CA SER B 176 18.59 13.98 -1.73
C SER B 176 18.45 12.97 -2.87
N LEU B 177 18.92 13.35 -4.05
CA LEU B 177 18.90 12.45 -5.20
C LEU B 177 19.76 11.23 -4.95
N GLU B 178 20.93 11.46 -4.37
CA GLU B 178 21.84 10.37 -4.02
C GLU B 178 21.27 9.53 -2.89
N GLU B 179 20.52 10.17 -2.00
CA GLU B 179 19.88 9.48 -0.89
C GLU B 179 18.78 8.55 -1.39
N LYS B 180 17.93 9.04 -2.28
CA LYS B 180 16.85 8.25 -2.84
C LYS B 180 17.39 7.08 -3.65
N ASP B 181 18.46 7.32 -4.41
CA ASP B 181 19.08 6.29 -5.22
C ASP B 181 19.59 5.15 -4.36
N HIS B 182 20.30 5.49 -3.28
CA HIS B 182 20.83 4.49 -2.36
C HIS B 182 19.70 3.66 -1.74
N ILE B 183 18.64 4.34 -1.31
CA ILE B 183 17.50 3.67 -0.71
C ILE B 183 16.87 2.65 -1.65
N HIS B 184 16.68 3.05 -2.90
CA HIS B 184 16.08 2.16 -3.89
C HIS B 184 17.02 1.02 -4.27
N ARG B 185 18.32 1.25 -4.14
CA ARG B 185 19.30 0.19 -4.42
C ARG B 185 19.32 -0.84 -3.29
N VAL B 186 19.09 -0.38 -2.07
CA VAL B 186 19.00 -1.30 -0.93
C VAL B 186 17.68 -2.07 -0.98
N LEU B 187 16.62 -1.39 -1.38
CA LEU B 187 15.31 -2.03 -1.54
C LEU B 187 15.38 -3.14 -2.58
N ASP B 188 16.15 -2.91 -3.64
CA ASP B 188 16.35 -3.93 -4.67
C ASP B 188 17.06 -5.15 -4.11
N LYS B 189 18.01 -4.90 -3.20
CA LYS B 189 18.76 -5.98 -2.57
C LYS B 189 17.86 -6.85 -1.70
N ILE B 190 16.88 -6.22 -1.07
CA ILE B 190 15.91 -6.95 -0.25
C ILE B 190 14.99 -7.77 -1.16
N THR B 191 14.67 -7.21 -2.32
CA THR B 191 13.86 -7.91 -3.32
C THR B 191 14.60 -9.16 -3.80
N ASP B 192 15.88 -9.00 -4.09
CA ASP B 192 16.73 -10.11 -4.49
C ASP B 192 16.75 -11.18 -3.41
N THR B 193 16.81 -10.72 -2.15
CA THR B 193 16.86 -11.62 -1.01
C THR B 193 15.58 -12.43 -0.88
N LEU B 194 14.43 -11.76 -1.05
CA LEU B 194 13.13 -12.42 -0.97
C LEU B 194 13.00 -13.52 -2.01
N ILE B 195 13.38 -13.24 -3.24
CA ILE B 195 13.35 -14.23 -4.32
C ILE B 195 14.26 -15.41 -3.99
N HIS B 196 15.43 -15.10 -3.45
CA HIS B 196 16.39 -16.14 -3.09
C HIS B 196 15.83 -17.07 -2.02
N LEU B 197 15.08 -16.50 -1.07
CA LEU B 197 14.46 -17.29 -0.01
C LEU B 197 13.35 -18.18 -0.57
N MET B 198 12.64 -17.68 -1.57
CA MET B 198 11.55 -18.44 -2.18
C MET B 198 12.10 -19.51 -3.12
N ALA B 199 13.21 -19.20 -3.78
CA ALA B 199 13.85 -20.15 -4.68
C ALA B 199 14.49 -21.28 -3.90
N LYS B 200 14.99 -20.96 -2.71
CA LYS B 200 15.60 -21.96 -1.83
C LYS B 200 14.53 -22.73 -1.08
N ALA B 201 13.28 -22.27 -1.19
CA ALA B 201 12.15 -22.94 -0.56
C ALA B 201 11.56 -24.00 -1.48
N GLY B 202 12.03 -24.02 -2.72
CA GLY B 202 11.58 -25.00 -3.70
C GLY B 202 10.45 -24.50 -4.58
N LEU B 203 10.35 -23.18 -4.71
CA LEU B 203 9.30 -22.57 -5.53
C LEU B 203 9.80 -22.30 -6.94
N THR B 204 8.94 -22.56 -7.93
CA THR B 204 9.26 -22.29 -9.32
C THR B 204 9.33 -20.79 -9.56
N LEU B 205 9.92 -20.39 -10.69
CA LEU B 205 10.08 -18.98 -11.02
C LEU B 205 8.74 -18.25 -11.07
N GLN B 206 7.70 -18.94 -11.53
CA GLN B 206 6.36 -18.37 -11.57
C GLN B 206 5.85 -18.09 -10.16
N GLN B 207 5.99 -19.07 -9.28
CA GLN B 207 5.53 -18.95 -7.90
C GLN B 207 6.31 -17.90 -7.11
N GLN B 208 7.59 -17.76 -7.44
CA GLN B 208 8.45 -16.78 -6.78
C GLN B 208 7.94 -15.36 -6.99
N HIS B 209 7.64 -15.03 -8.24
CA HIS B 209 7.15 -13.71 -8.59
C HIS B 209 5.76 -13.46 -8.02
N GLN B 210 4.93 -14.50 -8.05
CA GLN B 210 3.57 -14.41 -7.52
C GLN B 210 3.57 -14.16 -6.01
N ARG B 211 4.39 -14.92 -5.29
CA ARG B 211 4.46 -14.78 -3.84
C ARG B 211 5.07 -13.45 -3.44
N LEU B 212 6.04 -12.98 -4.23
CA LEU B 212 6.64 -11.67 -4.02
C LEU B 212 5.58 -10.58 -4.12
N ALA B 213 4.72 -10.71 -5.13
CA ALA B 213 3.65 -9.74 -5.35
C ALA B 213 2.62 -9.76 -4.22
N GLN B 214 2.24 -10.96 -3.80
CA GLN B 214 1.26 -11.13 -2.73
C GLN B 214 1.74 -10.48 -1.43
N LEU B 215 3.02 -10.65 -1.12
CA LEU B 215 3.59 -10.13 0.11
C LEU B 215 3.67 -8.59 0.10
N LEU B 216 4.01 -8.03 -1.06
CA LEU B 216 4.17 -6.58 -1.17
C LEU B 216 2.82 -5.87 -1.22
N LEU B 217 1.80 -6.55 -1.74
CA LEU B 217 0.46 -5.98 -1.80
C LEU B 217 -0.14 -5.87 -0.40
N ILE B 218 0.30 -6.77 0.49
CA ILE B 218 -0.12 -6.73 1.90
C ILE B 218 0.35 -5.43 2.55
N LEU B 219 1.50 -4.93 2.12
CA LEU B 219 2.06 -3.70 2.66
C LEU B 219 1.17 -2.49 2.41
N SER B 220 0.35 -2.56 1.35
CA SER B 220 -0.60 -1.50 1.06
C SER B 220 -1.71 -1.47 2.12
N HIS B 221 -2.08 -2.65 2.61
CA HIS B 221 -3.08 -2.75 3.67
C HIS B 221 -2.51 -2.28 4.99
N ILE B 222 -1.23 -2.56 5.21
CA ILE B 222 -0.55 -2.15 6.43
C ILE B 222 -0.43 -0.62 6.48
N ARG B 223 -0.14 -0.02 5.33
CA ARG B 223 -0.14 1.43 5.21
C ARG B 223 -1.52 1.99 5.54
N HIS B 224 -2.54 1.31 5.03
CA HIS B 224 -3.92 1.69 5.28
C HIS B 224 -4.26 1.66 6.77
N MET B 225 -3.88 0.56 7.43
CA MET B 225 -4.10 0.43 8.87
C MET B 225 -3.36 1.51 9.64
N SER B 226 -2.16 1.84 9.20
CA SER B 226 -1.36 2.88 9.84
C SER B 226 -2.06 4.23 9.77
N ASN B 227 -2.55 4.58 8.58
CA ASN B 227 -3.27 5.83 8.39
C ASN B 227 -4.52 5.92 9.27
N LYS B 228 -5.28 4.83 9.31
CA LYS B 228 -6.45 4.75 10.18
C LYS B 228 -6.03 4.90 11.65
N GLY B 229 -4.91 4.29 12.00
CA GLY B 229 -4.38 4.37 13.34
C GLY B 229 -3.92 5.77 13.70
N MET B 230 -3.26 6.43 12.74
CA MET B 230 -2.78 7.79 12.95
C MET B 230 -3.94 8.77 13.14
N GLU B 231 -5.04 8.53 12.44
CA GLU B 231 -6.23 9.36 12.56
C GLU B 231 -6.78 9.28 13.98
N HIS B 232 -6.64 8.11 14.60
CA HIS B 232 -7.08 7.89 15.97
C HIS B 232 -6.20 8.64 16.96
N LEU B 233 -4.89 8.53 16.77
CA LEU B 233 -3.92 9.14 17.68
C LEU B 233 -3.90 10.65 17.57
N TYR B 234 -4.18 11.17 16.38
CA TYR B 234 -4.15 12.61 16.15
C TYR B 234 -5.28 13.32 16.88
N SER B 235 -6.42 12.65 16.98
CA SER B 235 -7.59 13.20 17.66
C SER B 235 -7.36 13.25 19.17
N VAL B 242 5.36 18.23 21.82
CA VAL B 242 6.63 17.57 21.53
C VAL B 242 6.54 16.73 20.27
N PRO B 243 6.90 17.33 19.11
CA PRO B 243 6.90 16.65 17.81
C PRO B 243 7.68 15.34 17.83
N LEU B 244 7.21 14.36 17.06
CA LEU B 244 7.84 13.04 17.04
C LEU B 244 9.21 13.08 16.38
N SER B 245 9.36 13.95 15.38
CA SER B 245 10.61 14.07 14.65
C SER B 245 11.76 14.51 15.56
N ASP B 246 11.43 15.32 16.56
CA ASP B 246 12.44 15.78 17.52
C ASP B 246 12.84 14.66 18.46
N LEU B 247 11.87 13.84 18.87
CA LEU B 247 12.13 12.69 19.73
C LEU B 247 12.93 11.64 18.96
N LEU B 248 12.57 11.44 17.69
CA LEU B 248 13.29 10.51 16.84
C LEU B 248 14.72 10.98 16.59
N LEU B 249 14.87 12.26 16.28
CA LEU B 249 16.17 12.87 16.06
C LEU B 249 17.04 12.74 17.30
N GLU B 250 16.43 12.91 18.46
CA GLU B 250 17.13 12.82 19.74
C GLU B 250 17.67 11.40 19.95
N MET B 251 16.85 10.40 19.63
CA MET B 251 17.24 9.01 19.82
C MET B 251 18.18 8.50 18.73
N LEU B 252 18.03 9.04 17.52
CA LEU B 252 18.82 8.59 16.39
C LEU B 252 20.25 9.12 16.43
N ASP B 253 20.44 10.24 17.10
CA ASP B 253 21.76 10.87 17.16
C ASP B 253 22.43 10.65 18.52
C1 C3D C . -9.65 15.32 -7.22
C2 C3D C . -8.48 15.12 -6.35
C3 C3D C . -7.86 13.71 -6.33
C4 C3D C . -7.33 13.27 -7.71
C5 C3D C . -8.50 13.64 -8.62
C6 C3D C . -8.31 12.78 -9.87
C7 C3D C . -9.25 12.94 -10.84
C8 C3D C . -10.40 13.94 -10.66
C9 C3D C . -10.53 14.69 -9.52
C10 C3D C . -9.49 14.52 -8.42
C11 C3D C . -8.93 15.43 -4.88
C12 C3D C . -9.28 16.74 -4.53
C13 C3D C . -9.71 17.00 -3.22
C14 C3D C . -9.76 15.98 -2.28
C15 C3D C . -9.39 14.68 -2.62
C16 C3D C . -8.98 14.41 -3.94
C17 C3D C . -10.89 14.83 -6.56
C18 C3D C . -11.13 13.33 -6.31
C19 C3D C . -12.29 12.90 -5.68
C20 C3D C . -13.35 13.91 -5.23
C21 C3D C . -13.15 15.26 -5.46
C22 C3D C . -11.86 15.74 -6.16
C24 C3D C . -15.78 13.94 -5.14
C25 C3D C . -16.95 13.31 -4.36
C27 C3D C . -16.59 11.28 -5.46
C28 C3D C . -17.39 9.98 -5.58
O7 C3D C . -9.15 12.19 -12.03
O23 C3D C . -14.55 13.45 -4.58
N26 C3D C . -17.56 12.26 -5.11
C29 C3D C . -18.65 10.20 -4.79
C30 C3D C . -18.58 11.64 -4.32
C1 C3D D . -1.22 -0.03 19.45
C2 C3D D . -2.07 -0.20 18.25
C3 C3D D . -1.32 -0.36 16.92
C4 C3D D . -0.52 -1.67 16.88
C5 C3D D . 0.23 -1.60 18.21
C6 C3D D . 1.44 -2.50 18.03
C7 C3D D . 2.28 -2.61 19.10
C8 C3D D . 1.99 -1.82 20.38
C9 C3D D . 0.89 -1.01 20.50
C10 C3D D . -0.06 -0.89 19.32
C11 C3D D . -3.08 0.99 18.10
C12 C3D D . -4.25 1.03 18.87
C13 C3D D . -5.15 2.09 18.73
C14 C3D D . -4.89 3.11 17.82
C15 C3D D . -3.72 3.08 17.04
C16 C3D D . -2.83 2.01 17.19
C17 C3D D . -0.71 1.38 19.53
C18 C3D D . 0.42 1.88 18.62
C19 C3D D . 0.87 3.19 18.72
C20 C3D D . 0.26 4.13 19.76
C21 C3D D . -0.75 3.69 20.59
C22 C3D D . -1.26 2.24 20.48
C24 C3D D . 1.30 5.87 21.14
C25 C3D D . 1.82 7.31 21.06
C27 C3D D . 3.68 6.58 19.85
C28 C3D D . 5.00 7.22 19.42
O7 C3D D . 3.43 -3.43 19.01
O23 C3D D . 0.73 5.51 19.87
N26 C3D D . 3.24 7.33 20.97
C29 C3D D . 4.97 8.60 20.02
C30 C3D D . 3.70 8.68 20.83
#